data_3CMH
# 
_entry.id   3CMH 
# 
_audit_conform.dict_name       mmcif_pdbx.dic 
_audit_conform.dict_version    5.383 
_audit_conform.dict_location   http://mmcif.pdb.org/dictionaries/ascii/mmcif_pdbx.dic 
# 
loop_
_database_2.database_id 
_database_2.database_code 
_database_2.pdbx_database_accession 
_database_2.pdbx_DOI 
PDB   3CMH         pdb_00003cmh 10.2210/pdb3cmh/pdb 
RCSB  RCSB007006   ?            ?                   
WWPDB D_1000007006 ?            ?                   
# 
loop_
_pdbx_audit_revision_history.ordinal 
_pdbx_audit_revision_history.data_content_type 
_pdbx_audit_revision_history.major_revision 
_pdbx_audit_revision_history.minor_revision 
_pdbx_audit_revision_history.revision_date 
1 'Structure model' 1 0 1999-09-29 
2 'Structure model' 1 1 2008-04-27 
3 'Structure model' 1 2 2011-07-13 
4 'Structure model' 1 3 2022-03-16 
5 'Structure model' 1 4 2023-12-27 
# 
_pdbx_audit_revision_details.ordinal             1 
_pdbx_audit_revision_details.revision_ordinal    1 
_pdbx_audit_revision_details.data_content_type   'Structure model' 
_pdbx_audit_revision_details.provider            repository 
_pdbx_audit_revision_details.type                'Initial release' 
_pdbx_audit_revision_details.description         ? 
_pdbx_audit_revision_details.details             ? 
# 
loop_
_pdbx_audit_revision_group.ordinal 
_pdbx_audit_revision_group.revision_ordinal 
_pdbx_audit_revision_group.data_content_type 
_pdbx_audit_revision_group.group 
1 2 'Structure model' 'Version format compliance' 
2 3 'Structure model' 'Version format compliance' 
3 4 'Structure model' 'Database references'       
4 4 'Structure model' 'Derived calculations'      
5 5 'Structure model' 'Data collection'           
# 
loop_
_pdbx_audit_revision_category.ordinal 
_pdbx_audit_revision_category.revision_ordinal 
_pdbx_audit_revision_category.data_content_type 
_pdbx_audit_revision_category.category 
1 4 'Structure model' database_2            
2 4 'Structure model' pdbx_struct_assembly  
3 4 'Structure model' pdbx_struct_oper_list 
4 4 'Structure model' struct_conn           
5 4 'Structure model' struct_ref_seq_dif    
6 5 'Structure model' chem_comp_atom        
7 5 'Structure model' chem_comp_bond        
# 
loop_
_pdbx_audit_revision_item.ordinal 
_pdbx_audit_revision_item.revision_ordinal 
_pdbx_audit_revision_item.data_content_type 
_pdbx_audit_revision_item.item 
1 4 'Structure model' '_database_2.pdbx_DOI'                
2 4 'Structure model' '_database_2.pdbx_database_accession' 
3 4 'Structure model' '_struct_conn.pdbx_leaving_atom_flag' 
4 4 'Structure model' '_struct_ref_seq_dif.details'         
# 
_pdbx_database_status.status_code                     REL 
_pdbx_database_status.entry_id                        3CMH 
_pdbx_database_status.recvd_initial_deposition_date   1998-09-03 
_pdbx_database_status.deposit_site                    BNL 
_pdbx_database_status.process_site                    RCSB 
_pdbx_database_status.SG_entry                        . 
_pdbx_database_status.pdb_format_compatible           Y 
_pdbx_database_status.status_code_mr                  ? 
_pdbx_database_status.status_code_sf                  ? 
_pdbx_database_status.status_code_cs                  ? 
_pdbx_database_status.status_code_nmr_data            ? 
_pdbx_database_status.methods_development_category    ? 
# 
_pdbx_database_related.db_name        PDB 
_pdbx_database_related.db_id          6CMH 
_pdbx_database_related.details        . 
_pdbx_database_related.content_type   unspecified 
# 
loop_
_audit_author.name 
_audit_author.pdbx_ordinal 
'Hewage, C.M.'    1 
'Jiang, L.'       2 
'Parkinson, J.A.' 3 
'Ramage, R.'      4 
'Sadler, I.H.'    5 
# 
_citation.id                        primary 
_citation.title                     
;Solution structure of a novel ETB receptor selective agonist ET1-21 [Cys(Acm)1,15, Aib3,11, Leu7] by nuclear magnetic resonance spectroscopy and molecular modelling.
;
_citation.journal_abbrev            J.Pept.Res. 
_citation.journal_volume            53 
_citation.page_first                223 
_citation.page_last                 233 
_citation.year                      1999 
_citation.journal_id_ASTM           JPERFA 
_citation.country                   DK 
_citation.journal_id_ISSN           1397-002X 
_citation.journal_id_CSD            2150 
_citation.book_publisher            ? 
_citation.pdbx_database_id_PubMed   10231710 
_citation.pdbx_database_id_DOI      10.1034/j.1399-3011.1999.00001.x 
# 
loop_
_citation_author.citation_id 
_citation_author.name 
_citation_author.ordinal 
_citation_author.identifier_ORCID 
primary 'Hewage, C.M.'    1 ? 
primary 'Jiang, L.'       2 ? 
primary 'Parkinson, J.A.' 3 ? 
primary 'Ramage, R.'      4 ? 
primary 'Sadler, I.H.'    5 ? 
# 
_entity.id                         1 
_entity.type                       polymer 
_entity.src_method                 syn 
_entity.pdbx_description           'PROTEIN (ENDOTHELIN-1)' 
_entity.formula_weight             1881.198 
_entity.pdbx_number_of_molecules   1 
_entity.pdbx_ec                    ? 
_entity.pdbx_mutation              ? 
_entity.pdbx_fragment              ? 
_entity.details                    'TRUNCATED ET-1 ANALOGUE AIB AT POSITION 11' 
# 
_entity_poly.entity_id                      1 
_entity_poly.type                           'polypeptide(L)' 
_entity_poly.nstd_linkage                   no 
_entity_poly.nstd_monomer                   yes 
_entity_poly.pdbx_seq_one_letter_code       'LDKE(AIB)VYFCHLDIIW' 
_entity_poly.pdbx_seq_one_letter_code_can   LDKEAVYFCHLDIIW 
_entity_poly.pdbx_strand_id                 A 
_entity_poly.pdbx_target_identifier         ? 
# 
loop_
_entity_poly_seq.entity_id 
_entity_poly_seq.num 
_entity_poly_seq.mon_id 
_entity_poly_seq.hetero 
1 1  LEU n 
1 2  ASP n 
1 3  LYS n 
1 4  GLU n 
1 5  AIB n 
1 6  VAL n 
1 7  TYR n 
1 8  PHE n 
1 9  CYS n 
1 10 HIS n 
1 11 LEU n 
1 12 ASP n 
1 13 ILE n 
1 14 ILE n 
1 15 TRP n 
# 
_pdbx_entity_src_syn.entity_id              1 
_pdbx_entity_src_syn.pdbx_src_id            1 
_pdbx_entity_src_syn.pdbx_alt_source_flag   sample 
_pdbx_entity_src_syn.pdbx_beg_seq_num       ? 
_pdbx_entity_src_syn.pdbx_end_seq_num       ? 
_pdbx_entity_src_syn.organism_scientific    ? 
_pdbx_entity_src_syn.organism_common_name   ? 
_pdbx_entity_src_syn.ncbi_taxonomy_id       ? 
_pdbx_entity_src_syn.details                'THE PEPTIDE WAS CHEMICALLY SYNTHESIZED FROM A BIOLOGICAL SOURCE.' 
# 
loop_
_chem_comp.id 
_chem_comp.type 
_chem_comp.mon_nstd_flag 
_chem_comp.name 
_chem_comp.pdbx_synonyms 
_chem_comp.formula 
_chem_comp.formula_weight 
AIB 'L-peptide linking' n 'ALPHA-AMINOISOBUTYRIC ACID' ? 'C4 H9 N O2'     103.120 
ASP 'L-peptide linking' y 'ASPARTIC ACID'              ? 'C4 H7 N O4'     133.103 
CYS 'L-peptide linking' y CYSTEINE                     ? 'C3 H7 N O2 S'   121.158 
GLU 'L-peptide linking' y 'GLUTAMIC ACID'              ? 'C5 H9 N O4'     147.129 
HIS 'L-peptide linking' y HISTIDINE                    ? 'C6 H10 N3 O2 1' 156.162 
ILE 'L-peptide linking' y ISOLEUCINE                   ? 'C6 H13 N O2'    131.173 
LEU 'L-peptide linking' y LEUCINE                      ? 'C6 H13 N O2'    131.173 
LYS 'L-peptide linking' y LYSINE                       ? 'C6 H15 N2 O2 1' 147.195 
MET 'L-peptide linking' y METHIONINE                   ? 'C5 H11 N O2 S'  149.211 
PHE 'L-peptide linking' y PHENYLALANINE                ? 'C9 H11 N O2'    165.189 
TRP 'L-peptide linking' y TRYPTOPHAN                   ? 'C11 H12 N2 O2'  204.225 
TYR 'L-peptide linking' y TYROSINE                     ? 'C9 H11 N O3'    181.189 
VAL 'L-peptide linking' y VALINE                       ? 'C5 H11 N O2'    117.146 
# 
loop_
_pdbx_poly_seq_scheme.asym_id 
_pdbx_poly_seq_scheme.entity_id 
_pdbx_poly_seq_scheme.seq_id 
_pdbx_poly_seq_scheme.mon_id 
_pdbx_poly_seq_scheme.ndb_seq_num 
_pdbx_poly_seq_scheme.pdb_seq_num 
_pdbx_poly_seq_scheme.auth_seq_num 
_pdbx_poly_seq_scheme.pdb_mon_id 
_pdbx_poly_seq_scheme.auth_mon_id 
_pdbx_poly_seq_scheme.pdb_strand_id 
_pdbx_poly_seq_scheme.pdb_ins_code 
_pdbx_poly_seq_scheme.hetero 
A 1 1  LEU 1  7  7  LEU LEU A . n 
A 1 2  ASP 2  8  8  ASP ASP A . n 
A 1 3  LYS 3  9  9  LYS LYS A . n 
A 1 4  GLU 4  10 10 GLU GLU A . n 
A 1 5  AIB 5  11 11 AIB AIB A . n 
A 1 6  VAL 6  12 12 VAL VAL A . n 
A 1 7  TYR 7  13 13 TYR TYR A . n 
A 1 8  PHE 8  14 14 PHE PHE A . n 
A 1 9  CYS 9  15 15 CYS CYS A . n 
A 1 10 HIS 10 16 16 HIS HIS A . n 
A 1 11 LEU 11 17 17 LEU LEU A . n 
A 1 12 ASP 12 18 18 ASP ASP A . n 
A 1 13 ILE 13 19 19 ILE ILE A . n 
A 1 14 ILE 14 20 20 ILE ILE A . n 
A 1 15 TRP 15 21 21 TRP TRP A . n 
# 
_cell.entry_id           3CMH 
_cell.length_a           1.000 
_cell.length_b           1.000 
_cell.length_c           1.000 
_cell.angle_alpha        90.00 
_cell.angle_beta         90.00 
_cell.angle_gamma        90.00 
_cell.Z_PDB              1 
_cell.pdbx_unique_axis   ? 
# 
_symmetry.entry_id                         3CMH 
_symmetry.space_group_name_H-M             'P 1' 
_symmetry.pdbx_full_space_group_name_H-M   ? 
_symmetry.cell_setting                     ? 
_symmetry.Int_Tables_number                1 
# 
_exptl.entry_id          3CMH 
_exptl.method            'SOLUTION NMR' 
_exptl.crystals_number   ? 
# 
_struct.entry_id                  3CMH 
_struct.title                     'SYNTHETIC LINEAR TRUNCATED ENDOTHELIN-1 AGONIST' 
_struct.pdbx_model_details        ? 
_struct.pdbx_CASP_flag            ? 
_struct.pdbx_model_type_details   ? 
# 
_struct_keywords.entry_id        3CMH 
_struct_keywords.pdbx_keywords   'CONTRACTILE PROTEIN' 
_struct_keywords.text            'VASOCONSTRICTOR, ENDOTHELIN-1, CONTRACTILE PROTEIN' 
# 
_struct_asym.id                            A 
_struct_asym.pdbx_blank_PDB_chainid_flag   N 
_struct_asym.pdbx_modified                 N 
_struct_asym.entity_id                     1 
_struct_asym.details                       ? 
# 
_struct_ref.id                         1 
_struct_ref.db_name                    UNP 
_struct_ref.db_code                    EDN1_RAT 
_struct_ref.entity_id                  1 
_struct_ref.pdbx_db_accession          P22388 
_struct_ref.pdbx_align_begin           ? 
_struct_ref.pdbx_seq_one_letter_code   ? 
_struct_ref.pdbx_db_isoform            ? 
# 
_struct_ref_seq.align_id                      1 
_struct_ref_seq.ref_id                        1 
_struct_ref_seq.pdbx_PDB_id_code              3CMH 
_struct_ref_seq.pdbx_strand_id                A 
_struct_ref_seq.seq_align_beg                 1 
_struct_ref_seq.pdbx_seq_align_beg_ins_code   ? 
_struct_ref_seq.seq_align_end                 15 
_struct_ref_seq.pdbx_seq_align_end_ins_code   ? 
_struct_ref_seq.pdbx_db_accession             P22388 
_struct_ref_seq.db_align_beg                  59 
_struct_ref_seq.pdbx_db_align_beg_ins_code    ? 
_struct_ref_seq.db_align_end                  73 
_struct_ref_seq.pdbx_db_align_end_ins_code    ? 
_struct_ref_seq.pdbx_auth_seq_align_beg       7 
_struct_ref_seq.pdbx_auth_seq_align_end       21 
# 
loop_
_struct_ref_seq_dif.align_id 
_struct_ref_seq_dif.pdbx_pdb_id_code 
_struct_ref_seq_dif.mon_id 
_struct_ref_seq_dif.pdbx_pdb_strand_id 
_struct_ref_seq_dif.seq_num 
_struct_ref_seq_dif.pdbx_pdb_ins_code 
_struct_ref_seq_dif.pdbx_seq_db_name 
_struct_ref_seq_dif.pdbx_seq_db_accession_code 
_struct_ref_seq_dif.db_mon_id 
_struct_ref_seq_dif.pdbx_seq_db_seq_num 
_struct_ref_seq_dif.details 
_struct_ref_seq_dif.pdbx_auth_seq_num 
_struct_ref_seq_dif.pdbx_ordinal 
1 3CMH LEU A 1 ? UNP P22388 MET 59 conflict 7  1 
1 3CMH AIB A 5 ? UNP P22388 CYS 63 conflict 11 2 
# 
_pdbx_struct_assembly.id                   1 
_pdbx_struct_assembly.details              author_defined_assembly 
_pdbx_struct_assembly.method_details       ? 
_pdbx_struct_assembly.oligomeric_details   monomeric 
_pdbx_struct_assembly.oligomeric_count     1 
# 
_pdbx_struct_assembly_gen.assembly_id       1 
_pdbx_struct_assembly_gen.oper_expression   1 
_pdbx_struct_assembly_gen.asym_id_list      A 
# 
_pdbx_struct_oper_list.id                   1 
_pdbx_struct_oper_list.type                 'identity operation' 
_pdbx_struct_oper_list.name                 1_555 
_pdbx_struct_oper_list.symmetry_operation   x,y,z 
_pdbx_struct_oper_list.matrix[1][1]         1.0000000000 
_pdbx_struct_oper_list.matrix[1][2]         0.0000000000 
_pdbx_struct_oper_list.matrix[1][3]         0.0000000000 
_pdbx_struct_oper_list.vector[1]            0.0000000000 
_pdbx_struct_oper_list.matrix[2][1]         0.0000000000 
_pdbx_struct_oper_list.matrix[2][2]         1.0000000000 
_pdbx_struct_oper_list.matrix[2][3]         0.0000000000 
_pdbx_struct_oper_list.vector[2]            0.0000000000 
_pdbx_struct_oper_list.matrix[3][1]         0.0000000000 
_pdbx_struct_oper_list.matrix[3][2]         0.0000000000 
_pdbx_struct_oper_list.matrix[3][3]         1.0000000000 
_pdbx_struct_oper_list.vector[3]            0.0000000000 
# 
_struct_biol.id   1 
# 
_struct_conf.conf_type_id            HELX_P 
_struct_conf.id                      HELX_P1 
_struct_conf.pdbx_PDB_helix_id       1 
_struct_conf.beg_label_comp_id       LYS 
_struct_conf.beg_label_asym_id       A 
_struct_conf.beg_label_seq_id        3 
_struct_conf.pdbx_beg_PDB_ins_code   ? 
_struct_conf.end_label_comp_id       LEU 
_struct_conf.end_label_asym_id       A 
_struct_conf.end_label_seq_id        11 
_struct_conf.pdbx_end_PDB_ins_code   ? 
_struct_conf.beg_auth_comp_id        LYS 
_struct_conf.beg_auth_asym_id        A 
_struct_conf.beg_auth_seq_id         9 
_struct_conf.end_auth_comp_id        LEU 
_struct_conf.end_auth_asym_id        A 
_struct_conf.end_auth_seq_id         17 
_struct_conf.pdbx_PDB_helix_class    5 
_struct_conf.details                 ? 
_struct_conf.pdbx_PDB_helix_length   9 
# 
_struct_conf_type.id          HELX_P 
_struct_conf_type.criteria    ? 
_struct_conf_type.reference   ? 
# 
loop_
_struct_conn.id 
_struct_conn.conn_type_id 
_struct_conn.pdbx_leaving_atom_flag 
_struct_conn.pdbx_PDB_id 
_struct_conn.ptnr1_label_asym_id 
_struct_conn.ptnr1_label_comp_id 
_struct_conn.ptnr1_label_seq_id 
_struct_conn.ptnr1_label_atom_id 
_struct_conn.pdbx_ptnr1_label_alt_id 
_struct_conn.pdbx_ptnr1_PDB_ins_code 
_struct_conn.pdbx_ptnr1_standard_comp_id 
_struct_conn.ptnr1_symmetry 
_struct_conn.ptnr2_label_asym_id 
_struct_conn.ptnr2_label_comp_id 
_struct_conn.ptnr2_label_seq_id 
_struct_conn.ptnr2_label_atom_id 
_struct_conn.pdbx_ptnr2_label_alt_id 
_struct_conn.pdbx_ptnr2_PDB_ins_code 
_struct_conn.ptnr1_auth_asym_id 
_struct_conn.ptnr1_auth_comp_id 
_struct_conn.ptnr1_auth_seq_id 
_struct_conn.ptnr2_auth_asym_id 
_struct_conn.ptnr2_auth_comp_id 
_struct_conn.ptnr2_auth_seq_id 
_struct_conn.ptnr2_symmetry 
_struct_conn.pdbx_ptnr3_label_atom_id 
_struct_conn.pdbx_ptnr3_label_seq_id 
_struct_conn.pdbx_ptnr3_label_comp_id 
_struct_conn.pdbx_ptnr3_label_asym_id 
_struct_conn.pdbx_ptnr3_label_alt_id 
_struct_conn.pdbx_ptnr3_PDB_ins_code 
_struct_conn.details 
_struct_conn.pdbx_dist_value 
_struct_conn.pdbx_value_order 
_struct_conn.pdbx_role 
covale1 covale both ? A GLU 4 C ? ? ? 1_555 A AIB 5 N ? ? A GLU 10 A AIB 11 1_555 ? ? ? ? ? ? ? 1.353 ? ? 
covale2 covale both ? A AIB 5 C ? ? ? 1_555 A VAL 6 N ? ? A AIB 11 A VAL 12 1_555 ? ? ? ? ? ? ? 1.354 ? ? 
# 
_struct_conn_type.id          covale 
_struct_conn_type.criteria    ? 
_struct_conn_type.reference   ? 
# 
_pdbx_validate_rmsd_angle.id                         1 
_pdbx_validate_rmsd_angle.PDB_model_num              1 
_pdbx_validate_rmsd_angle.auth_atom_id_1             CE2 
_pdbx_validate_rmsd_angle.auth_asym_id_1             A 
_pdbx_validate_rmsd_angle.auth_comp_id_1             TRP 
_pdbx_validate_rmsd_angle.auth_seq_id_1              21 
_pdbx_validate_rmsd_angle.PDB_ins_code_1             ? 
_pdbx_validate_rmsd_angle.label_alt_id_1             ? 
_pdbx_validate_rmsd_angle.auth_atom_id_2             CD2 
_pdbx_validate_rmsd_angle.auth_asym_id_2             A 
_pdbx_validate_rmsd_angle.auth_comp_id_2             TRP 
_pdbx_validate_rmsd_angle.auth_seq_id_2              21 
_pdbx_validate_rmsd_angle.PDB_ins_code_2             ? 
_pdbx_validate_rmsd_angle.label_alt_id_2             ? 
_pdbx_validate_rmsd_angle.auth_atom_id_3             CG 
_pdbx_validate_rmsd_angle.auth_asym_id_3             A 
_pdbx_validate_rmsd_angle.auth_comp_id_3             TRP 
_pdbx_validate_rmsd_angle.auth_seq_id_3              21 
_pdbx_validate_rmsd_angle.PDB_ins_code_3             ? 
_pdbx_validate_rmsd_angle.label_alt_id_3             ? 
_pdbx_validate_rmsd_angle.angle_value                102.48 
_pdbx_validate_rmsd_angle.angle_target_value         107.30 
_pdbx_validate_rmsd_angle.angle_deviation            -4.82 
_pdbx_validate_rmsd_angle.angle_standard_deviation   0.80 
_pdbx_validate_rmsd_angle.linker_flag                N 
# 
_pdbx_validate_torsion.id              1 
_pdbx_validate_torsion.PDB_model_num   1 
_pdbx_validate_torsion.auth_comp_id    ASP 
_pdbx_validate_torsion.auth_asym_id    A 
_pdbx_validate_torsion.auth_seq_id     8 
_pdbx_validate_torsion.PDB_ins_code    ? 
_pdbx_validate_torsion.label_alt_id    ? 
_pdbx_validate_torsion.phi             -168.14 
_pdbx_validate_torsion.psi             -75.54 
# 
_pdbx_struct_mod_residue.id               1 
_pdbx_struct_mod_residue.label_asym_id    A 
_pdbx_struct_mod_residue.label_comp_id    AIB 
_pdbx_struct_mod_residue.label_seq_id     5 
_pdbx_struct_mod_residue.auth_asym_id     A 
_pdbx_struct_mod_residue.auth_comp_id     AIB 
_pdbx_struct_mod_residue.auth_seq_id      11 
_pdbx_struct_mod_residue.PDB_ins_code     ? 
_pdbx_struct_mod_residue.parent_comp_id   ALA 
_pdbx_struct_mod_residue.details          'ALPHA-AMINOISOBUTYRIC ACID' 
# 
_pdbx_nmr_ensemble.entry_id                                      3CMH 
_pdbx_nmr_ensemble.conformers_calculated_total_number            10 
_pdbx_nmr_ensemble.conformers_submitted_total_number             1 
_pdbx_nmr_ensemble.conformer_selection_criteria                  ? 
_pdbx_nmr_ensemble.average_constraints_per_residue               ? 
_pdbx_nmr_ensemble.average_constraint_violations_per_residue     ? 
_pdbx_nmr_ensemble.maximum_distance_constraint_violation         ? 
_pdbx_nmr_ensemble.average_distance_constraint_violation         ? 
_pdbx_nmr_ensemble.maximum_upper_distance_constraint_violation   ? 
_pdbx_nmr_ensemble.maximum_lower_distance_constraint_violation   ? 
_pdbx_nmr_ensemble.distance_constraint_violation_method          ? 
_pdbx_nmr_ensemble.maximum_torsion_angle_constraint_violation    ? 
_pdbx_nmr_ensemble.average_torsion_angle_constraint_violation    ? 
_pdbx_nmr_ensemble.torsion_angle_constraint_violation_method     ? 
# 
_pdbx_nmr_sample_details.solution_id      1 
_pdbx_nmr_sample_details.contents         '50% H2O/ 50% CD3OH' 
_pdbx_nmr_sample_details.solvent_system   ? 
# 
_pdbx_nmr_exptl_sample_conditions.conditions_id       1 
_pdbx_nmr_exptl_sample_conditions.temperature         298 
_pdbx_nmr_exptl_sample_conditions.pressure            ? 
_pdbx_nmr_exptl_sample_conditions.pH                  3.6 
_pdbx_nmr_exptl_sample_conditions.ionic_strength      ? 
_pdbx_nmr_exptl_sample_conditions.pressure_units      ? 
_pdbx_nmr_exptl_sample_conditions.temperature_units   K 
# 
loop_
_pdbx_nmr_exptl.experiment_id 
_pdbx_nmr_exptl.conditions_id 
_pdbx_nmr_exptl.type 
_pdbx_nmr_exptl.solution_id 
1 1 NOESY 1 
2 1 TOCSY 1 
# 
_pdbx_nmr_details.entry_id   3CMH 
_pdbx_nmr_details.text       '2D NMR METHODS USED' 
# 
_pdbx_nmr_refine.entry_id           3CMH 
_pdbx_nmr_refine.method             'DG, DSA, MD' 
_pdbx_nmr_refine.details            ? 
_pdbx_nmr_refine.software_ordinal   1 
# 
loop_
_pdbx_nmr_software.classification 
_pdbx_nmr_software.name 
_pdbx_nmr_software.version 
_pdbx_nmr_software.authors 
_pdbx_nmr_software.ordinal 
refinement           TRIPOS 6.1    ? 1 
'structure solution' SYBYL  TRIPOS ? 2 
# 
loop_
_chem_comp_atom.comp_id 
_chem_comp_atom.atom_id 
_chem_comp_atom.type_symbol 
_chem_comp_atom.pdbx_aromatic_flag 
_chem_comp_atom.pdbx_stereo_config 
_chem_comp_atom.pdbx_ordinal 
AIB N    N N N 1   
AIB CA   C N N 2   
AIB C    C N N 3   
AIB O    O N N 4   
AIB OXT  O N N 5   
AIB CB1  C N N 6   
AIB CB2  C N N 7   
AIB H    H N N 8   
AIB H2   H N N 9   
AIB HXT  H N N 10  
AIB HB11 H N N 11  
AIB HB12 H N N 12  
AIB HB13 H N N 13  
AIB HB21 H N N 14  
AIB HB22 H N N 15  
AIB HB23 H N N 16  
ASP N    N N N 17  
ASP CA   C N S 18  
ASP C    C N N 19  
ASP O    O N N 20  
ASP CB   C N N 21  
ASP CG   C N N 22  
ASP OD1  O N N 23  
ASP OD2  O N N 24  
ASP OXT  O N N 25  
ASP H    H N N 26  
ASP H2   H N N 27  
ASP HA   H N N 28  
ASP HB2  H N N 29  
ASP HB3  H N N 30  
ASP HD2  H N N 31  
ASP HXT  H N N 32  
CYS N    N N N 33  
CYS CA   C N R 34  
CYS C    C N N 35  
CYS O    O N N 36  
CYS CB   C N N 37  
CYS SG   S N N 38  
CYS OXT  O N N 39  
CYS H    H N N 40  
CYS H2   H N N 41  
CYS HA   H N N 42  
CYS HB2  H N N 43  
CYS HB3  H N N 44  
CYS HG   H N N 45  
CYS HXT  H N N 46  
GLU N    N N N 47  
GLU CA   C N S 48  
GLU C    C N N 49  
GLU O    O N N 50  
GLU CB   C N N 51  
GLU CG   C N N 52  
GLU CD   C N N 53  
GLU OE1  O N N 54  
GLU OE2  O N N 55  
GLU OXT  O N N 56  
GLU H    H N N 57  
GLU H2   H N N 58  
GLU HA   H N N 59  
GLU HB2  H N N 60  
GLU HB3  H N N 61  
GLU HG2  H N N 62  
GLU HG3  H N N 63  
GLU HE2  H N N 64  
GLU HXT  H N N 65  
HIS N    N N N 66  
HIS CA   C N S 67  
HIS C    C N N 68  
HIS O    O N N 69  
HIS CB   C N N 70  
HIS CG   C Y N 71  
HIS ND1  N Y N 72  
HIS CD2  C Y N 73  
HIS CE1  C Y N 74  
HIS NE2  N Y N 75  
HIS OXT  O N N 76  
HIS H    H N N 77  
HIS H2   H N N 78  
HIS HA   H N N 79  
HIS HB2  H N N 80  
HIS HB3  H N N 81  
HIS HD1  H N N 82  
HIS HD2  H N N 83  
HIS HE1  H N N 84  
HIS HE2  H N N 85  
HIS HXT  H N N 86  
ILE N    N N N 87  
ILE CA   C N S 88  
ILE C    C N N 89  
ILE O    O N N 90  
ILE CB   C N S 91  
ILE CG1  C N N 92  
ILE CG2  C N N 93  
ILE CD1  C N N 94  
ILE OXT  O N N 95  
ILE H    H N N 96  
ILE H2   H N N 97  
ILE HA   H N N 98  
ILE HB   H N N 99  
ILE HG12 H N N 100 
ILE HG13 H N N 101 
ILE HG21 H N N 102 
ILE HG22 H N N 103 
ILE HG23 H N N 104 
ILE HD11 H N N 105 
ILE HD12 H N N 106 
ILE HD13 H N N 107 
ILE HXT  H N N 108 
LEU N    N N N 109 
LEU CA   C N S 110 
LEU C    C N N 111 
LEU O    O N N 112 
LEU CB   C N N 113 
LEU CG   C N N 114 
LEU CD1  C N N 115 
LEU CD2  C N N 116 
LEU OXT  O N N 117 
LEU H    H N N 118 
LEU H2   H N N 119 
LEU HA   H N N 120 
LEU HB2  H N N 121 
LEU HB3  H N N 122 
LEU HG   H N N 123 
LEU HD11 H N N 124 
LEU HD12 H N N 125 
LEU HD13 H N N 126 
LEU HD21 H N N 127 
LEU HD22 H N N 128 
LEU HD23 H N N 129 
LEU HXT  H N N 130 
LYS N    N N N 131 
LYS CA   C N S 132 
LYS C    C N N 133 
LYS O    O N N 134 
LYS CB   C N N 135 
LYS CG   C N N 136 
LYS CD   C N N 137 
LYS CE   C N N 138 
LYS NZ   N N N 139 
LYS OXT  O N N 140 
LYS H    H N N 141 
LYS H2   H N N 142 
LYS HA   H N N 143 
LYS HB2  H N N 144 
LYS HB3  H N N 145 
LYS HG2  H N N 146 
LYS HG3  H N N 147 
LYS HD2  H N N 148 
LYS HD3  H N N 149 
LYS HE2  H N N 150 
LYS HE3  H N N 151 
LYS HZ1  H N N 152 
LYS HZ2  H N N 153 
LYS HZ3  H N N 154 
LYS HXT  H N N 155 
MET N    N N N 156 
MET CA   C N S 157 
MET C    C N N 158 
MET O    O N N 159 
MET CB   C N N 160 
MET CG   C N N 161 
MET SD   S N N 162 
MET CE   C N N 163 
MET OXT  O N N 164 
MET H    H N N 165 
MET H2   H N N 166 
MET HA   H N N 167 
MET HB2  H N N 168 
MET HB3  H N N 169 
MET HG2  H N N 170 
MET HG3  H N N 171 
MET HE1  H N N 172 
MET HE2  H N N 173 
MET HE3  H N N 174 
MET HXT  H N N 175 
PHE N    N N N 176 
PHE CA   C N S 177 
PHE C    C N N 178 
PHE O    O N N 179 
PHE CB   C N N 180 
PHE CG   C Y N 181 
PHE CD1  C Y N 182 
PHE CD2  C Y N 183 
PHE CE1  C Y N 184 
PHE CE2  C Y N 185 
PHE CZ   C Y N 186 
PHE OXT  O N N 187 
PHE H    H N N 188 
PHE H2   H N N 189 
PHE HA   H N N 190 
PHE HB2  H N N 191 
PHE HB3  H N N 192 
PHE HD1  H N N 193 
PHE HD2  H N N 194 
PHE HE1  H N N 195 
PHE HE2  H N N 196 
PHE HZ   H N N 197 
PHE HXT  H N N 198 
TRP N    N N N 199 
TRP CA   C N S 200 
TRP C    C N N 201 
TRP O    O N N 202 
TRP CB   C N N 203 
TRP CG   C Y N 204 
TRP CD1  C Y N 205 
TRP CD2  C Y N 206 
TRP NE1  N Y N 207 
TRP CE2  C Y N 208 
TRP CE3  C Y N 209 
TRP CZ2  C Y N 210 
TRP CZ3  C Y N 211 
TRP CH2  C Y N 212 
TRP OXT  O N N 213 
TRP H    H N N 214 
TRP H2   H N N 215 
TRP HA   H N N 216 
TRP HB2  H N N 217 
TRP HB3  H N N 218 
TRP HD1  H N N 219 
TRP HE1  H N N 220 
TRP HE3  H N N 221 
TRP HZ2  H N N 222 
TRP HZ3  H N N 223 
TRP HH2  H N N 224 
TRP HXT  H N N 225 
TYR N    N N N 226 
TYR CA   C N S 227 
TYR C    C N N 228 
TYR O    O N N 229 
TYR CB   C N N 230 
TYR CG   C Y N 231 
TYR CD1  C Y N 232 
TYR CD2  C Y N 233 
TYR CE1  C Y N 234 
TYR CE2  C Y N 235 
TYR CZ   C Y N 236 
TYR OH   O N N 237 
TYR OXT  O N N 238 
TYR H    H N N 239 
TYR H2   H N N 240 
TYR HA   H N N 241 
TYR HB2  H N N 242 
TYR HB3  H N N 243 
TYR HD1  H N N 244 
TYR HD2  H N N 245 
TYR HE1  H N N 246 
TYR HE2  H N N 247 
TYR HH   H N N 248 
TYR HXT  H N N 249 
VAL N    N N N 250 
VAL CA   C N S 251 
VAL C    C N N 252 
VAL O    O N N 253 
VAL CB   C N N 254 
VAL CG1  C N N 255 
VAL CG2  C N N 256 
VAL OXT  O N N 257 
VAL H    H N N 258 
VAL H2   H N N 259 
VAL HA   H N N 260 
VAL HB   H N N 261 
VAL HG11 H N N 262 
VAL HG12 H N N 263 
VAL HG13 H N N 264 
VAL HG21 H N N 265 
VAL HG22 H N N 266 
VAL HG23 H N N 267 
VAL HXT  H N N 268 
# 
loop_
_chem_comp_bond.comp_id 
_chem_comp_bond.atom_id_1 
_chem_comp_bond.atom_id_2 
_chem_comp_bond.value_order 
_chem_comp_bond.pdbx_aromatic_flag 
_chem_comp_bond.pdbx_stereo_config 
_chem_comp_bond.pdbx_ordinal 
AIB N   CA   sing N N 1   
AIB N   H    sing N N 2   
AIB N   H2   sing N N 3   
AIB CA  C    sing N N 4   
AIB CA  CB1  sing N N 5   
AIB CA  CB2  sing N N 6   
AIB C   O    doub N N 7   
AIB C   OXT  sing N N 8   
AIB OXT HXT  sing N N 9   
AIB CB1 HB11 sing N N 10  
AIB CB1 HB12 sing N N 11  
AIB CB1 HB13 sing N N 12  
AIB CB2 HB21 sing N N 13  
AIB CB2 HB22 sing N N 14  
AIB CB2 HB23 sing N N 15  
ASP N   CA   sing N N 16  
ASP N   H    sing N N 17  
ASP N   H2   sing N N 18  
ASP CA  C    sing N N 19  
ASP CA  CB   sing N N 20  
ASP CA  HA   sing N N 21  
ASP C   O    doub N N 22  
ASP C   OXT  sing N N 23  
ASP CB  CG   sing N N 24  
ASP CB  HB2  sing N N 25  
ASP CB  HB3  sing N N 26  
ASP CG  OD1  doub N N 27  
ASP CG  OD2  sing N N 28  
ASP OD2 HD2  sing N N 29  
ASP OXT HXT  sing N N 30  
CYS N   CA   sing N N 31  
CYS N   H    sing N N 32  
CYS N   H2   sing N N 33  
CYS CA  C    sing N N 34  
CYS CA  CB   sing N N 35  
CYS CA  HA   sing N N 36  
CYS C   O    doub N N 37  
CYS C   OXT  sing N N 38  
CYS CB  SG   sing N N 39  
CYS CB  HB2  sing N N 40  
CYS CB  HB3  sing N N 41  
CYS SG  HG   sing N N 42  
CYS OXT HXT  sing N N 43  
GLU N   CA   sing N N 44  
GLU N   H    sing N N 45  
GLU N   H2   sing N N 46  
GLU CA  C    sing N N 47  
GLU CA  CB   sing N N 48  
GLU CA  HA   sing N N 49  
GLU C   O    doub N N 50  
GLU C   OXT  sing N N 51  
GLU CB  CG   sing N N 52  
GLU CB  HB2  sing N N 53  
GLU CB  HB3  sing N N 54  
GLU CG  CD   sing N N 55  
GLU CG  HG2  sing N N 56  
GLU CG  HG3  sing N N 57  
GLU CD  OE1  doub N N 58  
GLU CD  OE2  sing N N 59  
GLU OE2 HE2  sing N N 60  
GLU OXT HXT  sing N N 61  
HIS N   CA   sing N N 62  
HIS N   H    sing N N 63  
HIS N   H2   sing N N 64  
HIS CA  C    sing N N 65  
HIS CA  CB   sing N N 66  
HIS CA  HA   sing N N 67  
HIS C   O    doub N N 68  
HIS C   OXT  sing N N 69  
HIS CB  CG   sing N N 70  
HIS CB  HB2  sing N N 71  
HIS CB  HB3  sing N N 72  
HIS CG  ND1  sing Y N 73  
HIS CG  CD2  doub Y N 74  
HIS ND1 CE1  doub Y N 75  
HIS ND1 HD1  sing N N 76  
HIS CD2 NE2  sing Y N 77  
HIS CD2 HD2  sing N N 78  
HIS CE1 NE2  sing Y N 79  
HIS CE1 HE1  sing N N 80  
HIS NE2 HE2  sing N N 81  
HIS OXT HXT  sing N N 82  
ILE N   CA   sing N N 83  
ILE N   H    sing N N 84  
ILE N   H2   sing N N 85  
ILE CA  C    sing N N 86  
ILE CA  CB   sing N N 87  
ILE CA  HA   sing N N 88  
ILE C   O    doub N N 89  
ILE C   OXT  sing N N 90  
ILE CB  CG1  sing N N 91  
ILE CB  CG2  sing N N 92  
ILE CB  HB   sing N N 93  
ILE CG1 CD1  sing N N 94  
ILE CG1 HG12 sing N N 95  
ILE CG1 HG13 sing N N 96  
ILE CG2 HG21 sing N N 97  
ILE CG2 HG22 sing N N 98  
ILE CG2 HG23 sing N N 99  
ILE CD1 HD11 sing N N 100 
ILE CD1 HD12 sing N N 101 
ILE CD1 HD13 sing N N 102 
ILE OXT HXT  sing N N 103 
LEU N   CA   sing N N 104 
LEU N   H    sing N N 105 
LEU N   H2   sing N N 106 
LEU CA  C    sing N N 107 
LEU CA  CB   sing N N 108 
LEU CA  HA   sing N N 109 
LEU C   O    doub N N 110 
LEU C   OXT  sing N N 111 
LEU CB  CG   sing N N 112 
LEU CB  HB2  sing N N 113 
LEU CB  HB3  sing N N 114 
LEU CG  CD1  sing N N 115 
LEU CG  CD2  sing N N 116 
LEU CG  HG   sing N N 117 
LEU CD1 HD11 sing N N 118 
LEU CD1 HD12 sing N N 119 
LEU CD1 HD13 sing N N 120 
LEU CD2 HD21 sing N N 121 
LEU CD2 HD22 sing N N 122 
LEU CD2 HD23 sing N N 123 
LEU OXT HXT  sing N N 124 
LYS N   CA   sing N N 125 
LYS N   H    sing N N 126 
LYS N   H2   sing N N 127 
LYS CA  C    sing N N 128 
LYS CA  CB   sing N N 129 
LYS CA  HA   sing N N 130 
LYS C   O    doub N N 131 
LYS C   OXT  sing N N 132 
LYS CB  CG   sing N N 133 
LYS CB  HB2  sing N N 134 
LYS CB  HB3  sing N N 135 
LYS CG  CD   sing N N 136 
LYS CG  HG2  sing N N 137 
LYS CG  HG3  sing N N 138 
LYS CD  CE   sing N N 139 
LYS CD  HD2  sing N N 140 
LYS CD  HD3  sing N N 141 
LYS CE  NZ   sing N N 142 
LYS CE  HE2  sing N N 143 
LYS CE  HE3  sing N N 144 
LYS NZ  HZ1  sing N N 145 
LYS NZ  HZ2  sing N N 146 
LYS NZ  HZ3  sing N N 147 
LYS OXT HXT  sing N N 148 
MET N   CA   sing N N 149 
MET N   H    sing N N 150 
MET N   H2   sing N N 151 
MET CA  C    sing N N 152 
MET CA  CB   sing N N 153 
MET CA  HA   sing N N 154 
MET C   O    doub N N 155 
MET C   OXT  sing N N 156 
MET CB  CG   sing N N 157 
MET CB  HB2  sing N N 158 
MET CB  HB3  sing N N 159 
MET CG  SD   sing N N 160 
MET CG  HG2  sing N N 161 
MET CG  HG3  sing N N 162 
MET SD  CE   sing N N 163 
MET CE  HE1  sing N N 164 
MET CE  HE2  sing N N 165 
MET CE  HE3  sing N N 166 
MET OXT HXT  sing N N 167 
PHE N   CA   sing N N 168 
PHE N   H    sing N N 169 
PHE N   H2   sing N N 170 
PHE CA  C    sing N N 171 
PHE CA  CB   sing N N 172 
PHE CA  HA   sing N N 173 
PHE C   O    doub N N 174 
PHE C   OXT  sing N N 175 
PHE CB  CG   sing N N 176 
PHE CB  HB2  sing N N 177 
PHE CB  HB3  sing N N 178 
PHE CG  CD1  doub Y N 179 
PHE CG  CD2  sing Y N 180 
PHE CD1 CE1  sing Y N 181 
PHE CD1 HD1  sing N N 182 
PHE CD2 CE2  doub Y N 183 
PHE CD2 HD2  sing N N 184 
PHE CE1 CZ   doub Y N 185 
PHE CE1 HE1  sing N N 186 
PHE CE2 CZ   sing Y N 187 
PHE CE2 HE2  sing N N 188 
PHE CZ  HZ   sing N N 189 
PHE OXT HXT  sing N N 190 
TRP N   CA   sing N N 191 
TRP N   H    sing N N 192 
TRP N   H2   sing N N 193 
TRP CA  C    sing N N 194 
TRP CA  CB   sing N N 195 
TRP CA  HA   sing N N 196 
TRP C   O    doub N N 197 
TRP C   OXT  sing N N 198 
TRP CB  CG   sing N N 199 
TRP CB  HB2  sing N N 200 
TRP CB  HB3  sing N N 201 
TRP CG  CD1  doub Y N 202 
TRP CG  CD2  sing Y N 203 
TRP CD1 NE1  sing Y N 204 
TRP CD1 HD1  sing N N 205 
TRP CD2 CE2  doub Y N 206 
TRP CD2 CE3  sing Y N 207 
TRP NE1 CE2  sing Y N 208 
TRP NE1 HE1  sing N N 209 
TRP CE2 CZ2  sing Y N 210 
TRP CE3 CZ3  doub Y N 211 
TRP CE3 HE3  sing N N 212 
TRP CZ2 CH2  doub Y N 213 
TRP CZ2 HZ2  sing N N 214 
TRP CZ3 CH2  sing Y N 215 
TRP CZ3 HZ3  sing N N 216 
TRP CH2 HH2  sing N N 217 
TRP OXT HXT  sing N N 218 
TYR N   CA   sing N N 219 
TYR N   H    sing N N 220 
TYR N   H2   sing N N 221 
TYR CA  C    sing N N 222 
TYR CA  CB   sing N N 223 
TYR CA  HA   sing N N 224 
TYR C   O    doub N N 225 
TYR C   OXT  sing N N 226 
TYR CB  CG   sing N N 227 
TYR CB  HB2  sing N N 228 
TYR CB  HB3  sing N N 229 
TYR CG  CD1  doub Y N 230 
TYR CG  CD2  sing Y N 231 
TYR CD1 CE1  sing Y N 232 
TYR CD1 HD1  sing N N 233 
TYR CD2 CE2  doub Y N 234 
TYR CD2 HD2  sing N N 235 
TYR CE1 CZ   doub Y N 236 
TYR CE1 HE1  sing N N 237 
TYR CE2 CZ   sing Y N 238 
TYR CE2 HE2  sing N N 239 
TYR CZ  OH   sing N N 240 
TYR OH  HH   sing N N 241 
TYR OXT HXT  sing N N 242 
VAL N   CA   sing N N 243 
VAL N   H    sing N N 244 
VAL N   H2   sing N N 245 
VAL CA  C    sing N N 246 
VAL CA  CB   sing N N 247 
VAL CA  HA   sing N N 248 
VAL C   O    doub N N 249 
VAL C   OXT  sing N N 250 
VAL CB  CG1  sing N N 251 
VAL CB  CG2  sing N N 252 
VAL CB  HB   sing N N 253 
VAL CG1 HG11 sing N N 254 
VAL CG1 HG12 sing N N 255 
VAL CG1 HG13 sing N N 256 
VAL CG2 HG21 sing N N 257 
VAL CG2 HG22 sing N N 258 
VAL CG2 HG23 sing N N 259 
VAL OXT HXT  sing N N 260 
# 
_pdbx_nmr_spectrometer.spectrometer_id   1 
_pdbx_nmr_spectrometer.model             INOVA 
_pdbx_nmr_spectrometer.manufacturer      Varian 
_pdbx_nmr_spectrometer.field_strength    600 
_pdbx_nmr_spectrometer.type              ? 
# 
_atom_sites.entry_id                    3CMH 
_atom_sites.fract_transf_matrix[1][1]   1.000000 
_atom_sites.fract_transf_matrix[1][2]   0.000000 
_atom_sites.fract_transf_matrix[1][3]   0.000000 
_atom_sites.fract_transf_matrix[2][1]   0.000000 
_atom_sites.fract_transf_matrix[2][2]   1.000000 
_atom_sites.fract_transf_matrix[2][3]   0.000000 
_atom_sites.fract_transf_matrix[3][1]   0.000000 
_atom_sites.fract_transf_matrix[3][2]   0.000000 
_atom_sites.fract_transf_matrix[3][3]   1.000000 
_atom_sites.fract_transf_vector[1]      0.00000 
_atom_sites.fract_transf_vector[2]      0.00000 
_atom_sites.fract_transf_vector[3]      0.00000 
# 
loop_
_atom_type.symbol 
C 
H 
N 
O 
S 
# 
loop_
_atom_site.group_PDB 
_atom_site.id 
_atom_site.type_symbol 
_atom_site.label_atom_id 
_atom_site.label_alt_id 
_atom_site.label_comp_id 
_atom_site.label_asym_id 
_atom_site.label_entity_id 
_atom_site.label_seq_id 
_atom_site.pdbx_PDB_ins_code 
_atom_site.Cartn_x 
_atom_site.Cartn_y 
_atom_site.Cartn_z 
_atom_site.occupancy 
_atom_site.B_iso_or_equiv 
_atom_site.pdbx_formal_charge 
_atom_site.auth_seq_id 
_atom_site.auth_comp_id 
_atom_site.auth_asym_id 
_atom_site.auth_atom_id 
_atom_site.pdbx_PDB_model_num 
ATOM   1   N N    . LEU A 1 1  ? 6.209  3.596  -8.112 1.00 0.00 ? 7  LEU A N    1 
ATOM   2   C CA   . LEU A 1 1  ? 5.920  2.646  -7.039 1.00 0.00 ? 7  LEU A CA   1 
ATOM   3   C C    . LEU A 1 1  ? 6.027  1.207  -7.499 1.00 0.00 ? 7  LEU A C    1 
ATOM   4   O O    . LEU A 1 1  ? 6.003  0.967  -8.695 1.00 0.00 ? 7  LEU A O    1 
ATOM   5   C CB   . LEU A 1 1  ? 4.549  2.977  -6.379 1.00 0.00 ? 7  LEU A CB   1 
ATOM   6   C CG   . LEU A 1 1  ? 3.386  3.299  -7.368 1.00 0.00 ? 7  LEU A CG   1 
ATOM   7   C CD1  . LEU A 1 1  ? 2.975  2.103  -8.271 1.00 0.00 ? 7  LEU A CD1  1 
ATOM   8   C CD2  . LEU A 1 1  ? 2.141  3.775  -6.568 1.00 0.00 ? 7  LEU A CD2  1 
ATOM   9   H H1   . LEU A 1 1  ? 5.970  3.371  -9.059 1.00 0.00 ? 7  LEU A H1   1 
ATOM   10  H H2   . LEU A 1 1  ? 6.565  4.506  -7.885 1.00 0.00 ? 7  LEU A H2   1 
ATOM   11  H HA   . LEU A 1 1  ? 6.707  2.765  -6.272 1.00 0.00 ? 7  LEU A HA   1 
ATOM   12  H HB2  . LEU A 1 1  ? 4.248  2.161  -5.704 1.00 0.00 ? 7  LEU A HB2  1 
ATOM   13  H HB3  . LEU A 1 1  ? 4.708  3.881  -5.767 1.00 0.00 ? 7  LEU A HB3  1 
ATOM   14  H HG   . LEU A 1 1  ? 3.692  4.135  -8.018 1.00 0.00 ? 7  LEU A HG   1 
ATOM   15  H HD11 . LEU A 1 1  ? 2.699  1.234  -7.656 1.00 0.00 ? 7  LEU A HD11 1 
ATOM   16  H HD12 . LEU A 1 1  ? 2.111  2.386  -8.895 1.00 0.00 ? 7  LEU A HD12 1 
ATOM   17  H HD13 . LEU A 1 1  ? 3.781  1.819  -8.954 1.00 0.00 ? 7  LEU A HD13 1 
ATOM   18  H HD21 . LEU A 1 1  ? 2.392  4.630  -5.922 1.00 0.00 ? 7  LEU A HD21 1 
ATOM   19  H HD22 . LEU A 1 1  ? 1.330  4.086  -7.245 1.00 0.00 ? 7  LEU A HD22 1 
ATOM   20  H HD23 . LEU A 1 1  ? 1.771  2.957  -5.936 1.00 0.00 ? 7  LEU A HD23 1 
ATOM   21  N N    . ASP A 1 2  ? 6.165  0.236  -6.564 1.00 0.00 ? 8  ASP A N    1 
ATOM   22  C CA   . ASP A 1 2  ? 6.288  -1.170 -6.958 1.00 0.00 ? 8  ASP A CA   1 
ATOM   23  C C    . ASP A 1 2  ? 6.137  -2.069 -5.747 1.00 0.00 ? 8  ASP A C    1 
ATOM   24  O O    . ASP A 1 2  ? 5.089  -2.677 -5.590 1.00 0.00 ? 8  ASP A O    1 
ATOM   25  C CB   . ASP A 1 2  ? 7.629  -1.452 -7.698 1.00 0.00 ? 8  ASP A CB   1 
ATOM   26  C CG   . ASP A 1 2  ? 7.886  -2.934 -7.796 1.00 0.00 ? 8  ASP A CG   1 
ATOM   27  O OD1  . ASP A 1 2  ? 7.259  -3.589 -8.673 1.00 0.00 ? 8  ASP A OD1  1 
ATOM   28  O OD2  . ASP A 1 2  ? 8.711  -3.459 -6.995 1.00 0.00 ? 8  ASP A OD2  1 
ATOM   29  H H    . ASP A 1 2  ? 6.200  0.468  -5.589 1.00 0.00 ? 8  ASP A H    1 
ATOM   30  H HA   . ASP A 1 2  ? 5.463  -1.422 -7.649 1.00 0.00 ? 8  ASP A HA   1 
ATOM   31  H HB2  . ASP A 1 2  ? 7.600  -1.030 -8.712 1.00 0.00 ? 8  ASP A HB2  1 
ATOM   32  H HB3  . ASP A 1 2  ? 8.465  -0.963 -7.176 1.00 0.00 ? 8  ASP A HB3  1 
ATOM   33  N N    . LYS A 1 3  ? 7.164  -2.174 -4.869 1.00 0.00 ? 9  LYS A N    1 
ATOM   34  C CA   . LYS A 1 3  ? 7.001  -2.964 -3.650 1.00 0.00 ? 9  LYS A CA   1 
ATOM   35  C C    . LYS A 1 3  ? 6.083  -2.204 -2.723 1.00 0.00 ? 9  LYS A C    1 
ATOM   36  O O    . LYS A 1 3  ? 5.220  -2.814 -2.114 1.00 0.00 ? 9  LYS A O    1 
ATOM   37  C CB   . LYS A 1 3  ? 8.364  -3.223 -2.946 1.00 0.00 ? 9  LYS A CB   1 
ATOM   38  C CG   . LYS A 1 3  ? 8.221  -3.973 -1.591 1.00 0.00 ? 9  LYS A CG   1 
ATOM   39  C CD   . LYS A 1 3  ? 7.496  -5.349 -1.656 1.00 0.00 ? 9  LYS A CD   1 
ATOM   40  C CE   . LYS A 1 3  ? 8.207  -6.359 -2.598 1.00 0.00 ? 9  LYS A CE   1 
ATOM   41  N NZ   . LYS A 1 3  ? 7.618  -7.715 -2.482 1.00 0.00 ? 9  LYS A NZ   1 
ATOM   42  H H    . LYS A 1 3  ? 8.019  -1.676 -5.002 1.00 0.00 ? 9  LYS A H    1 
ATOM   43  H HA   . LYS A 1 3  ? 6.552  -3.932 -3.925 1.00 0.00 ? 9  LYS A HA   1 
ATOM   44  H HB2  . LYS A 1 3  ? 9.024  -3.781 -3.628 1.00 0.00 ? 9  LYS A HB2  1 
ATOM   45  H HB3  . LYS A 1 3  ? 8.849  -2.254 -2.743 1.00 0.00 ? 9  LYS A HB3  1 
ATOM   46  H HG2  . LYS A 1 3  ? 9.230  -4.131 -1.173 1.00 0.00 ? 9  LYS A HG2  1 
ATOM   47  H HG3  . LYS A 1 3  ? 7.672  -3.325 -0.891 1.00 0.00 ? 9  LYS A HG3  1 
ATOM   48  H HD2  . LYS A 1 3  ? 7.484  -5.769 -0.637 1.00 0.00 ? 9  LYS A HD2  1 
ATOM   49  H HD3  . LYS A 1 3  ? 6.447  -5.229 -1.966 1.00 0.00 ? 9  LYS A HD3  1 
ATOM   50  H HE2  . LYS A 1 3  ? 8.122  -6.024 -3.644 1.00 0.00 ? 9  LYS A HE2  1 
ATOM   51  H HE3  . LYS A 1 3  ? 9.278  -6.408 -2.338 1.00 0.00 ? 9  LYS A HE3  1 
ATOM   52  H HZ1  . LYS A 1 3  ? 6.568  -7.716 -2.738 1.00 0.00 ? 9  LYS A HZ1  1 
ATOM   53  H HZ2  . LYS A 1 3  ? 8.107  -8.417 -3.147 1.00 0.00 ? 9  LYS A HZ2  1 
ATOM   54  H HZ3  . LYS A 1 3  ? 7.711  -8.114 -1.480 1.00 0.00 ? 9  LYS A HZ3  1 
ATOM   55  N N    . GLU A 1 4  ? 6.252  -0.866 -2.607 1.00 0.00 ? 10 GLU A N    1 
ATOM   56  C CA   . GLU A 1 4  ? 5.372  -0.087 -1.739 1.00 0.00 ? 10 GLU A CA   1 
ATOM   57  C C    . GLU A 1 4  ? 3.928  -0.406 -2.050 1.00 0.00 ? 10 GLU A C    1 
ATOM   58  O O    . GLU A 1 4  ? 3.151  -0.529 -1.115 1.00 0.00 ? 10 GLU A O    1 
ATOM   59  C CB   . GLU A 1 4  ? 5.572  1.445  -1.913 1.00 0.00 ? 10 GLU A CB   1 
ATOM   60  C CG   . GLU A 1 4  ? 6.828  1.977  -1.170 1.00 0.00 ? 10 GLU A CG   1 
ATOM   61  C CD   . GLU A 1 4  ? 8.095  1.288  -1.608 1.00 0.00 ? 10 GLU A CD   1 
ATOM   62  O OE1  . GLU A 1 4  ? 8.354  1.258  -2.842 1.00 0.00 ? 10 GLU A OE1  1 
ATOM   63  O OE2  . GLU A 1 4  ? 8.841  0.769  -0.733 1.00 0.00 ? 10 GLU A OE2  1 
ATOM   64  H H    . GLU A 1 4  ? 6.967  -0.395 -3.123 1.00 0.00 ? 10 GLU A H    1 
ATOM   65  H HA   . GLU A 1 4  ? 5.580  -0.366 -0.694 1.00 0.00 ? 10 GLU A HA   1 
ATOM   66  H HB2  . GLU A 1 4  ? 5.621  1.690  -2.985 1.00 0.00 ? 10 GLU A HB2  1 
ATOM   67  H HB3  . GLU A 1 4  ? 4.698  1.965  -1.493 1.00 0.00 ? 10 GLU A HB3  1 
ATOM   68  H HG2  . GLU A 1 4  ? 6.938  3.054  -1.369 1.00 0.00 ? 10 GLU A HG2  1 
ATOM   69  H HG3  . GLU A 1 4  ? 6.693  1.846  -0.084 1.00 0.00 ? 10 GLU A HG3  1 
HETATM 70  N N    . AIB A 1 5  ? 3.565  -0.539 -3.347 1.00 0.00 ? 11 AIB A N    1 
HETATM 71  C CA   . AIB A 1 5  ? 2.176  -0.833 -3.702 1.00 0.00 ? 11 AIB A CA   1 
HETATM 72  C C    . AIB A 1 5  ? 1.640  -1.951 -2.833 1.00 0.00 ? 11 AIB A C    1 
HETATM 73  O O    . AIB A 1 5  ? 0.542  -1.828 -2.315 1.00 0.00 ? 11 AIB A O    1 
HETATM 74  C CB1  . AIB A 1 5  ? 2.060  -1.316 -5.175 1.00 0.00 ? 11 AIB A CB1  1 
HETATM 75  C CB2  . AIB A 1 5  ? 1.376  0.484  -3.525 1.00 0.00 ? 11 AIB A CB2  1 
HETATM 76  H H    . AIB A 1 5  ? 4.228  -0.399 -4.083 1.00 0.00 ? 11 AIB A H    1 
HETATM 77  H HB11 . AIB A 1 5  ? 1.006  -1.499 -5.434 1.00 0.00 ? 11 AIB A HB11 1 
HETATM 78  H HB12 . AIB A 1 5  ? 2.466  -0.561 -5.863 1.00 0.00 ? 11 AIB A HB12 1 
HETATM 79  H HB13 . AIB A 1 5  ? 2.613  -2.255 -5.325 1.00 0.00 ? 11 AIB A HB13 1 
HETATM 80  H HB21 . AIB A 1 5  ? 1.361  0.787  -2.469 1.00 0.00 ? 11 AIB A HB21 1 
HETATM 81  H HB22 . AIB A 1 5  ? 0.339  0.371  -3.875 1.00 0.00 ? 11 AIB A HB22 1 
HETATM 82  H HB23 . AIB A 1 5  ? 1.857  1.287  -4.104 1.00 0.00 ? 11 AIB A HB23 1 
ATOM   83  N N    . VAL A 1 6  ? 2.418  -3.045 -2.654 1.00 0.00 ? 12 VAL A N    1 
ATOM   84  C CA   . VAL A 1 6  ? 1.945  -4.169 -1.844 1.00 0.00 ? 12 VAL A CA   1 
ATOM   85  C C    . VAL A 1 6  ? 1.430  -3.632 -0.531 1.00 0.00 ? 12 VAL A C    1 
ATOM   86  O O    . VAL A 1 6  ? 0.343  -4.007 -0.124 1.00 0.00 ? 12 VAL A O    1 
ATOM   87  C CB   . VAL A 1 6  ? 3.054  -5.232 -1.559 1.00 0.00 ? 12 VAL A CB   1 
ATOM   88  C CG1  . VAL A 1 6  ? 2.606  -6.276 -0.497 1.00 0.00 ? 12 VAL A CG1  1 
ATOM   89  C CG2  . VAL A 1 6  ? 3.471  -5.968 -2.864 1.00 0.00 ? 12 VAL A CG2  1 
ATOM   90  H H    . VAL A 1 6  ? 3.329  -3.090 -3.064 1.00 0.00 ? 12 VAL A H    1 
ATOM   91  H HA   . VAL A 1 6  ? 1.111  -4.654 -2.379 1.00 0.00 ? 12 VAL A HA   1 
ATOM   92  H HB   . VAL A 1 6  ? 3.935  -4.721 -1.141 1.00 0.00 ? 12 VAL A HB   1 
ATOM   93  H HG11 . VAL A 1 6  ? 1.700  -6.797 -0.838 1.00 0.00 ? 12 VAL A HG11 1 
ATOM   94  H HG12 . VAL A 1 6  ? 3.397  -7.026 -0.337 1.00 0.00 ? 12 VAL A HG12 1 
ATOM   95  H HG13 . VAL A 1 6  ? 2.396  -5.805 0.476  1.00 0.00 ? 12 VAL A HG13 1 
ATOM   96  H HG21 . VAL A 1 6  ? 2.598  -6.466 -3.315 1.00 0.00 ? 12 VAL A HG21 1 
ATOM   97  H HG22 . VAL A 1 6  ? 3.900  -5.279 -3.606 1.00 0.00 ? 12 VAL A HG22 1 
ATOM   98  H HG23 . VAL A 1 6  ? 4.229  -6.733 -2.644 1.00 0.00 ? 12 VAL A HG23 1 
ATOM   99  N N    . TYR A 1 7  ? 2.204  -2.755 0.143  1.00 0.00 ? 13 TYR A N    1 
ATOM   100 C CA   . TYR A 1 7  ? 1.775  -2.284 1.454  1.00 0.00 ? 13 TYR A CA   1 
ATOM   101 C C    . TYR A 1 7  ? 0.477  -1.524 1.316  1.00 0.00 ? 13 TYR A C    1 
ATOM   102 O O    . TYR A 1 7  ? -0.510 -1.935 1.905  1.00 0.00 ? 13 TYR A O    1 
ATOM   103 C CB   . TYR A 1 7  ? 2.834  -1.386 2.161  1.00 0.00 ? 13 TYR A CB   1 
ATOM   104 C CG   . TYR A 1 7  ? 4.274  -1.917 2.061  1.00 0.00 ? 13 TYR A CG   1 
ATOM   105 C CD1  . TYR A 1 7  ? 4.559  -3.288 2.063  1.00 0.00 ? 13 TYR A CD1  1 
ATOM   106 C CD2  . TYR A 1 7  ? 5.335  -1.009 1.957  1.00 0.00 ? 13 TYR A CD2  1 
ATOM   107 C CE1  . TYR A 1 7  ? 5.872  -3.738 1.903  1.00 0.00 ? 13 TYR A CE1  1 
ATOM   108 C CE2  . TYR A 1 7  ? 6.650  -1.457 1.811  1.00 0.00 ? 13 TYR A CE2  1 
ATOM   109 C CZ   . TYR A 1 7  ? 6.928  -2.829 1.796  1.00 0.00 ? 13 TYR A CZ   1 
ATOM   110 O OH   . TYR A 1 7  ? 8.236  -3.311 1.683  1.00 0.00 ? 13 TYR A OH   1 
ATOM   111 H H    . TYR A 1 7  ? 3.076  -2.432 -0.231 1.00 0.00 ? 13 TYR A H    1 
ATOM   112 H HA   . TYR A 1 7  ? 1.592  -3.163 2.094  1.00 0.00 ? 13 TYR A HA   1 
ATOM   113 H HB2  . TYR A 1 7  ? 2.822  -0.391 1.693  1.00 0.00 ? 13 TYR A HB2  1 
ATOM   114 H HB3  . TYR A 1 7  ? 2.573  -1.259 3.223  1.00 0.00 ? 13 TYR A HB3  1 
ATOM   115 H HD1  . TYR A 1 7  ? 3.771  -4.021 2.187  1.00 0.00 ? 13 TYR A HD1  1 
ATOM   116 H HD2  . TYR A 1 7  ? 5.147  0.061  1.986  1.00 0.00 ? 13 TYR A HD2  1 
ATOM   117 H HE1  . TYR A 1 7  ? 6.079  -4.802 1.862  1.00 0.00 ? 13 TYR A HE1  1 
ATOM   118 H HE2  . TYR A 1 7  ? 7.452  -0.731 1.709  1.00 0.00 ? 13 TYR A HE2  1 
ATOM   119 H HH   . TYR A 1 7  ? 8.895  -2.631 1.592  1.00 0.00 ? 13 TYR A HH   1 
ATOM   120 N N    . PHE A 1 8  ? 0.462  -0.404 0.558  1.00 0.00 ? 14 PHE A N    1 
ATOM   121 C CA   . PHE A 1 8  ? -0.665 0.523  0.652  1.00 0.00 ? 14 PHE A CA   1 
ATOM   122 C C    . PHE A 1 8  ? -1.871 -0.007 -0.086 1.00 0.00 ? 14 PHE A C    1 
ATOM   123 O O    . PHE A 1 8  ? -2.965 0.058  0.448  1.00 0.00 ? 14 PHE A O    1 
ATOM   124 C CB   . PHE A 1 8  ? -0.287 1.936  0.127  1.00 0.00 ? 14 PHE A CB   1 
ATOM   125 C CG   . PHE A 1 8  ? 1.104  2.409  0.594  1.00 0.00 ? 14 PHE A CG   1 
ATOM   126 C CD1  . PHE A 1 8  ? 1.580  2.137  1.884  1.00 0.00 ? 14 PHE A CD1  1 
ATOM   127 C CD2  . PHE A 1 8  ? 1.922  3.129  -0.285 1.00 0.00 ? 14 PHE A CD2  1 
ATOM   128 C CE1  . PHE A 1 8  ? 2.870  2.519  2.264  1.00 0.00 ? 14 PHE A CE1  1 
ATOM   129 C CE2  . PHE A 1 8  ? 3.195  3.553  0.107  1.00 0.00 ? 14 PHE A CE2  1 
ATOM   130 C CZ   . PHE A 1 8  ? 3.685  3.222  1.373  1.00 0.00 ? 14 PHE A CZ   1 
ATOM   131 H H    . PHE A 1 8  ? 1.234  -0.173 -0.038 1.00 0.00 ? 14 PHE A H    1 
ATOM   132 H HA   . PHE A 1 8  ? -0.946 0.633  1.712  1.00 0.00 ? 14 PHE A HA   1 
ATOM   133 H HB2  . PHE A 1 8  ? -0.309 1.904  -0.973 1.00 0.00 ? 14 PHE A HB2  1 
ATOM   134 H HB3  . PHE A 1 8  ? -1.037 2.673  0.455  1.00 0.00 ? 14 PHE A HB3  1 
ATOM   135 H HD1  . PHE A 1 8  ? 0.961  1.625  2.611  1.00 0.00 ? 14 PHE A HD1  1 
ATOM   136 H HD2  . PHE A 1 8  ? 1.574  3.368  -1.285 1.00 0.00 ? 14 PHE A HD2  1 
ATOM   137 H HE1  . PHE A 1 8  ? 3.241  2.272  3.253  1.00 0.00 ? 14 PHE A HE1  1 
ATOM   138 H HE2  . PHE A 1 8  ? 3.804  4.141  -0.572 1.00 0.00 ? 14 PHE A HE2  1 
ATOM   139 H HZ   . PHE A 1 8  ? 4.690  3.510  1.660  1.00 0.00 ? 14 PHE A HZ   1 
ATOM   140 N N    . CYS A 1 9  ? -1.693 -0.532 -1.317 1.00 0.00 ? 15 CYS A N    1 
ATOM   141 C CA   . CYS A 1 9  ? -2.841 -1.050 -2.057 1.00 0.00 ? 15 CYS A CA   1 
ATOM   142 C C    . CYS A 1 9  ? -3.545 -2.105 -1.238 1.00 0.00 ? 15 CYS A C    1 
ATOM   143 O O    . CYS A 1 9  ? -4.765 -2.103 -1.202 1.00 0.00 ? 15 CYS A O    1 
ATOM   144 C CB   . CYS A 1 9  ? -2.420 -1.678 -3.412 1.00 0.00 ? 15 CYS A CB   1 
ATOM   145 S SG   . CYS A 1 9  ? -3.874 -2.345 -4.287 1.00 0.00 ? 15 CYS A SG   1 
ATOM   146 H H    . CYS A 1 9  ? -0.786 -0.573 -1.737 1.00 0.00 ? 15 CYS A H    1 
ATOM   147 H HA   . CYS A 1 9  ? -3.528 -0.210 -2.257 1.00 0.00 ? 15 CYS A HA   1 
ATOM   148 H HB2  . CYS A 1 9  ? -1.929 -0.926 -4.048 1.00 0.00 ? 15 CYS A HB2  1 
ATOM   149 H HB3  . CYS A 1 9  ? -1.722 -2.513 -3.248 1.00 0.00 ? 15 CYS A HB3  1 
ATOM   150 H HG   . CYS A 1 9  ? -4.406 -1.491 -4.363 1.00 0.00 ? 15 CYS A HG   1 
ATOM   151 N N    . HIS A 1 10 ? -2.796 -3.021 -0.583 1.00 0.00 ? 16 HIS A N    1 
ATOM   152 C CA   . HIS A 1 10 ? -3.455 -4.094 0.155  1.00 0.00 ? 16 HIS A CA   1 
ATOM   153 C C    . HIS A 1 10 ? -4.084 -3.552 1.419  1.00 0.00 ? 16 HIS A C    1 
ATOM   154 O O    . HIS A 1 10 ? -5.295 -3.646 1.550  1.00 0.00 ? 16 HIS A O    1 
ATOM   155 C CB   . HIS A 1 10 ? -2.490 -5.268 0.478  1.00 0.00 ? 16 HIS A CB   1 
ATOM   156 C CG   . HIS A 1 10 ? -1.921 -5.929 -0.756 1.00 0.00 ? 16 HIS A CG   1 
ATOM   157 N ND1  . HIS A 1 10 ? -1.101 -6.953 -0.688 1.00 0.00 ? 16 HIS A ND1  1 
ATOM   158 C CD2  . HIS A 1 10 ? -2.146 -5.606 -2.047 1.00 0.00 ? 16 HIS A CD2  1 
ATOM   159 C CE1  . HIS A 1 10 ? -0.774 -7.333 -1.882 1.00 0.00 ? 16 HIS A CE1  1 
ATOM   160 N NE2  . HIS A 1 10 ? -1.342 -6.592 -2.720 1.00 0.00 ? 16 HIS A NE2  1 
ATOM   161 H H    . HIS A 1 10 ? -1.793 -2.989 -0.597 1.00 0.00 ? 16 HIS A H    1 
ATOM   162 H HA   . HIS A 1 10 ? -4.256 -4.521 -0.474 1.00 0.00 ? 16 HIS A HA   1 
ATOM   163 H HB2  . HIS A 1 10 ? -1.657 -4.918 1.104  1.00 0.00 ? 16 HIS A HB2  1 
ATOM   164 H HB3  . HIS A 1 10 ? -3.036 -6.036 1.046  1.00 0.00 ? 16 HIS A HB3  1 
ATOM   165 H HD1  . HIS A 1 10 ? -0.771 -7.393 0.184  1.00 0.00 ? 16 HIS A HD1  1 
ATOM   166 H HD2  . HIS A 1 10 ? -2.758 -4.829 -2.500 1.00 0.00 ? 16 HIS A HD2  1 
ATOM   167 H HE1  . HIS A 1 10 ? -0.114 -8.162 -2.136 1.00 0.00 ? 16 HIS A HE1  1 
ATOM   168 N N    . LEU A 1 11 ? -3.299 -2.991 2.368  1.00 0.00 ? 17 LEU A N    1 
ATOM   169 C CA   . LEU A 1 11 ? -3.889 -2.586 3.647  1.00 0.00 ? 17 LEU A CA   1 
ATOM   170 C C    . LEU A 1 11 ? -4.928 -1.509 3.410  1.00 0.00 ? 17 LEU A C    1 
ATOM   171 O O    . LEU A 1 11 ? -5.981 -1.576 4.026  1.00 0.00 ? 17 LEU A O    1 
ATOM   172 C CB   . LEU A 1 11 ? -2.816 -2.281 4.738  1.00 0.00 ? 17 LEU A CB   1 
ATOM   173 C CG   . LEU A 1 11 ? -1.981 -0.980 4.520  1.00 0.00 ? 17 LEU A CG   1 
ATOM   174 C CD1  . LEU A 1 11 ? -2.634 0.241  5.221  1.00 0.00 ? 17 LEU A CD1  1 
ATOM   175 C CD2  . LEU A 1 11 ? -0.518 -1.145 5.022  1.00 0.00 ? 17 LEU A CD2  1 
ATOM   176 H H    . LEU A 1 11 ? -2.316 -2.871 2.223  1.00 0.00 ? 17 LEU A H    1 
ATOM   177 H HA   . LEU A 1 11 ? -4.432 -3.472 4.022  1.00 0.00 ? 17 LEU A HA   1 
ATOM   178 H HB2  . LEU A 1 11 ? -3.296 -2.237 5.729  1.00 0.00 ? 17 LEU A HB2  1 
ATOM   179 H HB3  . LEU A 1 11 ? -2.140 -3.153 4.748  1.00 0.00 ? 17 LEU A HB3  1 
ATOM   180 H HG   . LEU A 1 11 ? -1.940 -0.756 3.449  1.00 0.00 ? 17 LEU A HG   1 
ATOM   181 H HD11 . LEU A 1 11 ? -3.683 0.314  4.918  1.00 0.00 ? 17 LEU A HD11 1 
ATOM   182 H HD12 . LEU A 1 11 ? -2.598 0.132  6.316  1.00 0.00 ? 17 LEU A HD12 1 
ATOM   183 H HD13 . LEU A 1 11 ? -2.120 1.174  4.941  1.00 0.00 ? 17 LEU A HD13 1 
ATOM   184 H HD21 . LEU A 1 11 ? -0.011 -1.969 4.496  1.00 0.00 ? 17 LEU A HD21 1 
ATOM   185 H HD22 . LEU A 1 11 ? 0.056  -0.224 4.841  1.00 0.00 ? 17 LEU A HD22 1 
ATOM   186 H HD23 . LEU A 1 11 ? -0.507 -1.362 6.100  1.00 0.00 ? 17 LEU A HD23 1 
ATOM   187 N N    . ASP A 1 12 ? -4.675 -0.537 2.502  1.00 0.00 ? 18 ASP A N    1 
ATOM   188 C CA   . ASP A 1 12 ? -5.706 0.428  2.112  1.00 0.00 ? 18 ASP A CA   1 
ATOM   189 C C    . ASP A 1 12 ? -6.242 1.215  3.288  1.00 0.00 ? 18 ASP A C    1 
ATOM   190 O O    . ASP A 1 12 ? -7.407 1.074  3.625  1.00 0.00 ? 18 ASP A O    1 
ATOM   191 C CB   . ASP A 1 12 ? -6.814 -0.309 1.312  1.00 0.00 ? 18 ASP A CB   1 
ATOM   192 C CG   . ASP A 1 12 ? -7.805 0.670  0.735  1.00 0.00 ? 18 ASP A CG   1 
ATOM   193 O OD1  . ASP A 1 12 ? -7.442 1.372  -0.249 1.00 0.00 ? 18 ASP A OD1  1 
ATOM   194 O OD2  . ASP A 1 12 ? -8.951 0.749  1.254  1.00 0.00 ? 18 ASP A OD2  1 
ATOM   195 H H    . ASP A 1 12 ? -3.804 -0.508 2.013  1.00 0.00 ? 18 ASP A H    1 
ATOM   196 H HA   . ASP A 1 12 ? -5.267 1.174  1.426  1.00 0.00 ? 18 ASP A HA   1 
ATOM   197 H HB2  . ASP A 1 12 ? -6.347 -0.865 0.485  1.00 0.00 ? 18 ASP A HB2  1 
ATOM   198 H HB3  . ASP A 1 12 ? -7.336 -1.037 1.951  1.00 0.00 ? 18 ASP A HB3  1 
ATOM   199 N N    . ILE A 1 13 ? -5.391 2.067  3.910  1.00 0.00 ? 19 ILE A N    1 
ATOM   200 C CA   . ILE A 1 13 ? -5.832 2.932  5.012  1.00 0.00 ? 19 ILE A CA   1 
ATOM   201 C C    . ILE A 1 13 ? -4.946 4.162  4.964  1.00 0.00 ? 19 ILE A C    1 
ATOM   202 O O    . ILE A 1 13 ? -3.758 3.976  4.748  1.00 0.00 ? 19 ILE A O    1 
ATOM   203 C CB   . ILE A 1 13 ? -5.709 2.270  6.422  1.00 0.00 ? 19 ILE A CB   1 
ATOM   204 C CG1  . ILE A 1 13 ? -6.384 0.867  6.473  1.00 0.00 ? 19 ILE A CG1  1 
ATOM   205 C CG2  . ILE A 1 13 ? -6.322 3.191  7.515  1.00 0.00 ? 19 ILE A CG2  1 
ATOM   206 C CD1  . ILE A 1 13 ? -6.182 0.114  7.816  1.00 0.00 ? 19 ILE A CD1  1 
ATOM   207 H H    . ILE A 1 13 ? -4.439 2.136  3.602  1.00 0.00 ? 19 ILE A H    1 
ATOM   208 H HA   . ILE A 1 13 ? -6.880 3.230  4.843  1.00 0.00 ? 19 ILE A HA   1 
ATOM   209 H HB   . ILE A 1 13 ? -4.635 2.138  6.634  1.00 0.00 ? 19 ILE A HB   1 
ATOM   210 H HG12 . ILE A 1 13 ? -7.462 0.958  6.264  1.00 0.00 ? 19 ILE A HG12 1 
ATOM   211 H HG13 . ILE A 1 13 ? -5.938 0.232  5.699  1.00 0.00 ? 19 ILE A HG13 1 
ATOM   212 H HG21 . ILE A 1 13 ? -5.924 4.209  7.444  1.00 0.00 ? 19 ILE A HG21 1 
ATOM   213 H HG22 . ILE A 1 13 ? -7.416 3.245  7.403  1.00 0.00 ? 19 ILE A HG22 1 
ATOM   214 H HG23 . ILE A 1 13 ? -6.087 2.823  8.523  1.00 0.00 ? 19 ILE A HG23 1 
ATOM   215 H HD11 . ILE A 1 13 ? -5.114 0.095  8.088  1.00 0.00 ? 19 ILE A HD11 1 
ATOM   216 H HD12 . ILE A 1 13 ? -6.753 0.579  8.632  1.00 0.00 ? 19 ILE A HD12 1 
ATOM   217 H HD13 . ILE A 1 13 ? -6.532 -0.926 7.717  1.00 0.00 ? 19 ILE A HD13 1 
ATOM   218 N N    . ILE A 1 14 ? -5.453 5.404  5.154  1.00 0.00 ? 20 ILE A N    1 
ATOM   219 C CA   . ILE A 1 14 ? -4.551 6.558  5.143  1.00 0.00 ? 20 ILE A CA   1 
ATOM   220 C C    . ILE A 1 14 ? -3.689 6.426  6.381  1.00 0.00 ? 20 ILE A C    1 
ATOM   221 O O    . ILE A 1 14 ? -2.480 6.320  6.246  1.00 0.00 ? 20 ILE A O    1 
ATOM   222 C CB   . ILE A 1 14 ? -5.288 7.930  5.048  1.00 0.00 ? 20 ILE A CB   1 
ATOM   223 C CG1  . ILE A 1 14 ? -6.034 8.036  3.681  1.00 0.00 ? 20 ILE A CG1  1 
ATOM   224 C CG2  . ILE A 1 14 ? -4.280 9.100  5.236  1.00 0.00 ? 20 ILE A CG2  1 
ATOM   225 C CD1  . ILE A 1 14 ? -6.927 9.299  3.547  1.00 0.00 ? 20 ILE A CD1  1 
ATOM   226 H H    . ILE A 1 14 ? -6.424 5.544  5.353  1.00 0.00 ? 20 ILE A H    1 
ATOM   227 H HA   . ILE A 1 14 ? -3.897 6.491  4.258  1.00 0.00 ? 20 ILE A HA   1 
ATOM   228 H HB   . ILE A 1 14 ? -6.033 7.988  5.859  1.00 0.00 ? 20 ILE A HB   1 
ATOM   229 H HG12 . ILE A 1 14 ? -5.306 8.025  2.854  1.00 0.00 ? 20 ILE A HG12 1 
ATOM   230 H HG13 . ILE A 1 14 ? -6.689 7.159  3.558  1.00 0.00 ? 20 ILE A HG13 1 
ATOM   231 H HG21 . ILE A 1 14 ? -3.747 9.013  6.194  1.00 0.00 ? 20 ILE A HG21 1 
ATOM   232 H HG22 . ILE A 1 14 ? -3.539 9.098  4.424  1.00 0.00 ? 20 ILE A HG22 1 
ATOM   233 H HG23 . ILE A 1 14 ? -4.792 10.073 5.245  1.00 0.00 ? 20 ILE A HG23 1 
ATOM   234 H HD11 . ILE A 1 14 ? -7.610 9.376  4.406  1.00 0.00 ? 20 ILE A HD11 1 
ATOM   235 H HD12 . ILE A 1 14 ? -6.327 10.218 3.484  1.00 0.00 ? 20 ILE A HD12 1 
ATOM   236 H HD13 . ILE A 1 14 ? -7.530 9.232  2.628  1.00 0.00 ? 20 ILE A HD13 1 
ATOM   237 N N    . TRP A 1 15 ? -4.299 6.413  7.588  1.00 0.00 ? 21 TRP A N    1 
ATOM   238 C CA   . TRP A 1 15 ? -3.539 6.150  8.813  1.00 0.00 ? 21 TRP A CA   1 
ATOM   239 C C    . TRP A 1 15 ? -2.460 7.179  9.043  1.00 0.00 ? 21 TRP A C    1 
ATOM   240 O O    . TRP A 1 15 ? -2.365 8.165  8.329  1.00 0.00 ? 21 TRP A O    1 
ATOM   241 C CB   . TRP A 1 15 ? -2.938 4.718  8.783  1.00 0.00 ? 21 TRP A CB   1 
ATOM   242 C CG   . TRP A 1 15 ? -2.520 4.283  10.162 1.00 0.00 ? 21 TRP A CG   1 
ATOM   243 C CD1  . TRP A 1 15 ? -1.271 4.103  10.626 1.00 0.00 ? 21 TRP A CD1  1 
ATOM   244 C CD2  . TRP A 1 15 ? -3.461 3.964  11.296 1.00 0.00 ? 21 TRP A CD2  1 
ATOM   245 N NE1  . TRP A 1 15 ? -1.325 3.724  11.878 1.00 0.00 ? 21 TRP A NE1  1 
ATOM   246 C CE2  . TRP A 1 15 ? -2.594 3.630  12.319 1.00 0.00 ? 21 TRP A CE2  1 
ATOM   247 C CE3  . TRP A 1 15 ? -4.845 3.951  11.458 1.00 0.00 ? 21 TRP A CE3  1 
ATOM   248 C CZ2  . TRP A 1 15 ? -3.063 3.267  13.581 1.00 0.00 ? 21 TRP A CZ2  1 
ATOM   249 C CZ3  . TRP A 1 15 ? -5.329 3.585  12.721 1.00 0.00 ? 21 TRP A CZ3  1 
ATOM   250 C CH2  . TRP A 1 15 ? -4.451 3.254  13.766 1.00 0.00 ? 21 TRP A CH2  1 
ATOM   251 H H    . TRP A 1 15 ? -5.291 6.539  7.664  1.00 0.00 ? 21 TRP A H    1 
ATOM   252 H HA   . TRP A 1 15 ? -4.226 6.225  9.674  1.00 0.00 ? 21 TRP A HA   1 
ATOM   253 H HB2  . TRP A 1 15 ? -3.688 3.996  8.430  1.00 0.00 ? 21 TRP A HB2  1 
ATOM   254 H HB3  . TRP A 1 15 ? -2.076 4.673  8.101  1.00 0.00 ? 21 TRP A HB3  1 
ATOM   255 H HD1  . TRP A 1 15 ? -0.360 4.251  10.049 1.00 0.00 ? 21 TRP A HD1  1 
ATOM   256 H HE1  . TRP A 1 15 ? -0.496 3.522  12.457 1.00 0.00 ? 21 TRP A HE1  1 
ATOM   257 H HE3  . TRP A 1 15 ? -5.513 4.211  10.644 1.00 0.00 ? 21 TRP A HE3  1 
ATOM   258 H HZ2  . TRP A 1 15 ? -2.378 3.008  14.383 1.00 0.00 ? 21 TRP A HZ2  1 
ATOM   259 H HZ3  . TRP A 1 15 ? -6.400 3.557  12.893 1.00 0.00 ? 21 TRP A HZ3  1 
ATOM   260 H HH2  . TRP A 1 15 ? -4.855 2.983  14.737 1.00 0.00 ? 21 TRP A HH2  1 
# 
